data_8SMG
#
_entry.id   8SMG
#
_cell.length_a   108.064
_cell.length_b   108.064
_cell.length_c   72.357
_cell.angle_alpha   90.000
_cell.angle_beta   90.000
_cell.angle_gamma   120.000
#
_symmetry.space_group_name_H-M   'P 63 2 2'
#
loop_
_entity.id
_entity.type
_entity.pdbx_description
1 polymer Gp34.65
2 non-polymer (1S,3R,4R,6R,9S,11R,14R,15S,16R,18R)-4-(6-amino-9H-purin-9-yl)-9,11,15,16,18-pentahydroxy-2,5,8,10,12,17-hexaoxa-9lambda~5~,11lambda~5~-diphosphatricyclo[12.2.1.1~3,6~]octadecane-9,11-dione
3 water water
#
_entity_poly.entity_id   1
_entity_poly.type   'polypeptide(L)'
_entity_poly.pdbx_seq_one_letter_code
;SMKTKMSFGEALEVLKQGMQVYRSGWNGKNMFLFLKSSDALASDFGFGFGEYINEPVFGNIIFIKTADNKIHAWVPSQTD
VLAEDWDIVS
;
_entity_poly.pdbx_strand_id   A,B
#
# COMPACT_ATOMS: atom_id res chain seq x y z
N LYS A 5 13.52 4.70 8.79
CA LYS A 5 13.34 4.97 10.21
C LYS A 5 11.98 4.44 10.69
N MET A 6 11.01 4.41 9.79
CA MET A 6 9.68 3.90 10.09
C MET A 6 9.25 2.92 9.01
N SER A 7 8.23 2.13 9.34
CA SER A 7 7.71 1.13 8.42
C SER A 7 6.70 1.77 7.47
N PHE A 8 6.15 0.94 6.57
CA PHE A 8 5.16 1.45 5.62
C PHE A 8 3.85 1.77 6.31
N GLY A 9 3.47 0.99 7.32
CA GLY A 9 2.26 1.28 8.06
C GLY A 9 2.32 2.62 8.77
N GLU A 10 3.49 2.96 9.32
CA GLU A 10 3.66 4.27 9.94
C GLU A 10 3.65 5.38 8.88
N ALA A 11 4.25 5.11 7.72
CA ALA A 11 4.23 6.09 6.64
C ALA A 11 2.82 6.32 6.12
N LEU A 12 1.96 5.30 6.20
CA LEU A 12 0.57 5.46 5.78
C LEU A 12 -0.18 6.41 6.71
N GLU A 13 0.06 6.29 8.02
CA GLU A 13 -0.52 7.23 8.97
C GLU A 13 -0.07 8.66 8.65
N VAL A 14 1.21 8.82 8.30
CA VAL A 14 1.72 10.13 7.92
C VAL A 14 1.10 10.59 6.61
N LEU A 15 0.86 9.65 5.69
CA LEU A 15 0.24 10.01 4.41
C LEU A 15 -1.20 10.46 4.60
N LYS A 16 -1.97 9.72 5.41
CA LYS A 16 -3.36 10.08 5.65
C LYS A 16 -3.53 11.37 6.42
N GLN A 17 -2.44 11.93 6.96
CA GLN A 17 -2.48 13.21 7.66
C GLN A 17 -2.00 14.36 6.78
N GLY A 18 -2.00 14.18 5.46
CA GLY A 18 -1.63 15.24 4.54
C GLY A 18 -0.15 15.49 4.38
N MET A 19 0.70 14.63 4.94
CA MET A 19 2.14 14.81 4.86
C MET A 19 2.73 13.92 3.78
N GLN A 20 3.99 14.19 3.44
CA GLN A 20 4.68 13.51 2.36
C GLN A 20 5.74 12.57 2.93
N VAL A 21 5.82 11.37 2.36
CA VAL A 21 6.76 10.35 2.80
C VAL A 21 7.61 9.91 1.62
N TYR A 22 8.74 9.28 1.94
CA TYR A 22 9.69 8.82 0.94
C TYR A 22 10.52 7.69 1.52
N ARG A 23 11.23 6.98 0.66
CA ARG A 23 12.15 5.93 1.05
C ARG A 23 13.58 6.34 0.71
N SER A 24 14.46 6.29 1.70
CA SER A 24 15.87 6.55 1.45
C SER A 24 16.50 5.49 0.55
N GLY A 25 15.92 4.30 0.50
CA GLY A 25 16.38 3.23 -0.35
C GLY A 25 15.96 3.31 -1.81
N TRP A 26 15.11 4.27 -2.15
CA TRP A 26 14.73 4.48 -3.54
C TRP A 26 15.95 4.84 -4.39
N ASN A 27 15.92 4.42 -5.65
CA ASN A 27 17.02 4.73 -6.56
C ASN A 27 16.95 6.17 -7.01
N GLY A 28 15.77 6.64 -7.42
CA GLY A 28 15.62 8.02 -7.83
C GLY A 28 15.77 8.99 -6.67
N LYS A 29 16.07 10.23 -7.03
CA LYS A 29 16.35 11.28 -6.05
C LYS A 29 15.20 12.28 -6.01
N ASN A 30 15.01 12.89 -4.83
CA ASN A 30 14.04 13.96 -4.64
C ASN A 30 12.62 13.51 -4.97
N MET A 31 12.28 12.27 -4.60
CA MET A 31 10.97 11.70 -4.84
C MET A 31 10.20 11.59 -3.53
N PHE A 32 8.87 11.68 -3.62
CA PHE A 32 8.03 11.56 -2.44
C PHE A 32 6.61 11.23 -2.87
N LEU A 33 5.86 10.66 -1.94
CA LEU A 33 4.45 10.34 -2.14
C LEU A 33 3.59 11.38 -1.45
N PHE A 34 2.37 11.56 -1.97
CA PHE A 34 1.37 12.36 -1.30
C PHE A 34 -0.01 11.82 -1.66
N LEU A 35 -0.93 11.96 -0.72
CA LEU A 35 -2.27 11.37 -0.83
C LEU A 35 -3.29 12.46 -1.16
N LYS A 36 -4.16 12.17 -2.12
CA LYS A 36 -5.31 13.00 -2.44
C LYS A 36 -6.56 12.22 -2.05
N SER A 37 -7.10 12.52 -0.87
CA SER A 37 -8.27 11.81 -0.38
C SER A 37 -9.48 12.06 -1.28
N SER A 38 -10.49 11.20 -1.12
CA SER A 38 -11.73 11.38 -1.86
C SER A 38 -12.38 12.71 -1.55
N ASP A 39 -12.30 13.16 -0.29
CA ASP A 39 -12.88 14.45 0.07
C ASP A 39 -12.06 15.60 -0.50
N ALA A 40 -10.73 15.47 -0.48
CA ALA A 40 -9.89 16.52 -1.06
C ALA A 40 -10.16 16.68 -2.55
N LEU A 41 -10.27 15.56 -3.28
CA LEU A 41 -10.56 15.65 -4.71
C LEU A 41 -11.94 16.23 -4.96
N ALA A 42 -12.93 15.82 -4.18
CA ALA A 42 -14.28 16.35 -4.36
C ALA A 42 -14.32 17.85 -4.09
N SER A 43 -13.53 18.32 -3.12
CA SER A 43 -13.53 19.74 -2.79
C SER A 43 -12.73 20.55 -3.82
N ASP A 44 -11.55 20.05 -4.20
CA ASP A 44 -10.69 20.80 -5.11
C ASP A 44 -11.29 20.94 -6.51
N PHE A 45 -12.08 19.96 -6.94
CA PHE A 45 -12.72 20.01 -8.25
C PHE A 45 -14.21 20.30 -8.16
N GLY A 46 -14.72 20.61 -6.97
CA GLY A 46 -16.15 20.80 -6.76
C GLY A 46 -16.67 22.21 -6.88
N PHE A 47 -15.78 23.20 -6.96
CA PHE A 47 -16.18 24.60 -7.15
C PHE A 47 -17.10 25.10 -6.04
N GLY A 48 -16.79 24.73 -4.80
CA GLY A 48 -17.59 25.13 -3.67
C GLY A 48 -18.80 24.26 -3.40
N PHE A 49 -19.03 23.22 -4.19
CA PHE A 49 -20.14 22.30 -3.97
C PHE A 49 -19.69 20.95 -3.43
N GLY A 50 -18.40 20.77 -3.15
CA GLY A 50 -17.89 19.46 -2.76
C GLY A 50 -18.44 18.96 -1.45
N GLU A 51 -18.79 19.87 -0.53
CA GLU A 51 -19.33 19.46 0.76
C GLU A 51 -20.72 18.83 0.64
N TYR A 52 -21.37 18.89 -0.51
CA TYR A 52 -22.71 18.34 -0.68
C TYR A 52 -22.72 17.07 -1.54
N ILE A 53 -21.56 16.46 -1.79
CA ILE A 53 -21.52 15.34 -2.73
C ILE A 53 -21.87 14.03 -2.05
N ASN A 54 -21.53 13.86 -0.77
CA ASN A 54 -21.76 12.64 0.00
C ASN A 54 -21.01 11.45 -0.56
N GLU A 55 -21.25 11.10 -1.83
CA GLU A 55 -20.61 9.96 -2.48
C GLU A 55 -19.85 10.44 -3.71
N PRO A 56 -18.60 10.84 -3.56
CA PRO A 56 -17.82 11.29 -4.72
C PRO A 56 -17.45 10.12 -5.63
N VAL A 57 -17.17 10.45 -6.90
CA VAL A 57 -16.88 9.42 -7.88
C VAL A 57 -15.41 9.00 -7.82
N PHE A 58 -14.52 9.87 -7.38
CA PHE A 58 -13.10 9.56 -7.31
C PHE A 58 -12.74 9.03 -5.92
N GLY A 59 -12.13 7.85 -5.88
CA GLY A 59 -11.60 7.32 -4.65
C GLY A 59 -10.32 8.03 -4.25
N ASN A 60 -9.71 7.53 -3.19
CA ASN A 60 -8.41 8.04 -2.76
C ASN A 60 -7.35 7.69 -3.79
N ILE A 61 -6.46 8.64 -4.08
CA ILE A 61 -5.38 8.45 -5.03
C ILE A 61 -4.06 8.80 -4.37
N ILE A 62 -3.11 7.89 -4.43
CA ILE A 62 -1.74 8.16 -4.01
C ILE A 62 -0.93 8.56 -5.23
N PHE A 63 -0.29 9.73 -5.16
CA PHE A 63 0.55 10.22 -6.24
C PHE A 63 2.02 10.10 -5.85
N ILE A 64 2.87 10.02 -6.86
CA ILE A 64 4.32 10.00 -6.67
C ILE A 64 4.92 11.14 -7.48
N LYS A 65 5.67 12.00 -6.80
CA LYS A 65 6.48 13.03 -7.47
C LYS A 65 7.79 12.38 -7.89
N THR A 66 7.88 12.00 -9.16
CA THR A 66 8.99 11.18 -9.63
C THR A 66 10.24 12.01 -9.83
N ALA A 67 11.34 11.33 -10.19
CA ALA A 67 12.63 12.00 -10.29
C ALA A 67 12.67 13.02 -11.43
N ASP A 68 11.86 12.81 -12.46
CA ASP A 68 11.76 13.74 -13.58
C ASP A 68 10.84 14.93 -13.31
N ASN A 69 10.50 15.17 -12.03
CA ASN A 69 9.61 16.24 -11.61
C ASN A 69 8.20 16.09 -12.19
N LYS A 70 7.85 14.90 -12.68
CA LYS A 70 6.49 14.63 -13.11
C LYS A 70 5.66 14.09 -11.94
N ILE A 71 4.35 14.01 -12.16
CA ILE A 71 3.42 13.48 -11.18
C ILE A 71 2.72 12.27 -11.79
N HIS A 72 2.86 11.11 -11.16
CA HIS A 72 2.22 9.89 -11.58
C HIS A 72 1.39 9.31 -10.44
N ALA A 73 0.50 8.39 -10.78
CA ALA A 73 -0.19 7.58 -9.78
C ALA A 73 0.76 6.50 -9.28
N TRP A 74 0.94 6.44 -7.96
CA TRP A 74 1.95 5.57 -7.38
C TRP A 74 1.44 4.15 -7.26
N VAL A 75 2.26 3.19 -7.70
CA VAL A 75 1.96 1.76 -7.61
C VAL A 75 2.80 1.18 -6.49
N PRO A 76 2.22 0.67 -5.42
CA PRO A 76 3.03 0.16 -4.30
C PRO A 76 3.70 -1.16 -4.62
N SER A 77 5.03 -1.15 -4.72
CA SER A 77 5.76 -2.37 -4.97
C SER A 77 5.93 -3.15 -3.67
N GLN A 78 6.20 -4.45 -3.81
CA GLN A 78 6.41 -5.29 -2.63
C GLN A 78 7.65 -4.84 -1.86
N THR A 79 8.65 -4.31 -2.55
CA THR A 79 9.83 -3.78 -1.87
C THR A 79 9.48 -2.58 -1.01
N ASP A 80 8.66 -1.66 -1.53
CA ASP A 80 8.25 -0.50 -0.75
C ASP A 80 7.39 -0.91 0.44
N VAL A 81 6.43 -1.82 0.19
CA VAL A 81 5.49 -2.21 1.24
C VAL A 81 6.20 -2.89 2.40
N LEU A 82 7.22 -3.69 2.10
CA LEU A 82 7.96 -4.41 3.13
C LEU A 82 9.15 -3.63 3.68
N ALA A 83 9.49 -2.50 3.10
CA ALA A 83 10.67 -1.75 3.52
C ALA A 83 10.46 -1.11 4.89
N GLU A 84 11.58 -0.74 5.52
CA GLU A 84 11.59 -0.11 6.84
C GLU A 84 12.35 1.21 6.83
N ASP A 85 12.58 1.79 5.65
CA ASP A 85 13.39 3.00 5.51
C ASP A 85 12.55 4.21 5.12
N TRP A 86 11.29 4.24 5.55
CA TRP A 86 10.43 5.38 5.26
C TRP A 86 10.74 6.55 6.20
N ASP A 87 10.51 7.75 5.68
CA ASP A 87 10.73 8.97 6.46
C ASP A 87 9.82 10.06 5.92
N ILE A 88 9.70 11.14 6.68
CA ILE A 88 8.85 12.26 6.33
C ILE A 88 9.67 13.32 5.63
N VAL A 89 9.11 13.93 4.60
CA VAL A 89 9.80 15.00 3.87
C VAL A 89 9.86 16.23 4.76
N SER A 90 11.07 16.70 5.04
CA SER A 90 11.27 17.88 5.88
C SER A 90 11.60 19.10 5.04
N LYS B 5 -11.84 -2.76 10.52
CA LYS B 5 -11.14 -3.67 11.41
C LYS B 5 -9.64 -3.37 11.43
N MET B 6 -8.86 -4.17 10.70
CA MET B 6 -7.41 -4.04 10.69
C MET B 6 -6.96 -3.15 9.53
N SER B 7 -5.90 -2.37 9.79
CA SER B 7 -5.28 -1.58 8.76
C SER B 7 -4.33 -2.45 7.94
N PHE B 8 -3.73 -1.87 6.90
CA PHE B 8 -2.77 -2.62 6.10
C PHE B 8 -1.45 -2.79 6.82
N GLY B 9 -1.02 -1.76 7.57
CA GLY B 9 0.19 -1.90 8.36
C GLY B 9 0.08 -3.00 9.41
N GLU B 10 -1.10 -3.10 10.05
CA GLU B 10 -1.31 -4.20 10.99
C GLU B 10 -1.37 -5.54 10.26
N ALA B 11 -1.99 -5.57 9.08
CA ALA B 11 -2.06 -6.80 8.31
C ALA B 11 -0.68 -7.25 7.86
N LEU B 12 0.25 -6.31 7.66
CA LEU B 12 1.61 -6.67 7.25
C LEU B 12 2.34 -7.39 8.37
N GLU B 13 2.23 -6.90 9.61
CA GLU B 13 2.88 -7.56 10.72
C GLU B 13 2.34 -8.97 10.93
N VAL B 14 1.04 -9.17 10.65
CA VAL B 14 0.47 -10.51 10.70
C VAL B 14 1.09 -11.38 9.60
N LEU B 15 1.29 -10.80 8.41
CA LEU B 15 1.95 -11.52 7.33
C LEU B 15 3.39 -11.84 7.67
N LYS B 16 4.11 -10.86 8.23
CA LYS B 16 5.52 -11.09 8.59
C LYS B 16 5.67 -12.15 9.68
N GLN B 17 4.57 -12.52 10.35
CA GLN B 17 4.60 -13.52 11.40
C GLN B 17 4.10 -14.88 10.94
N GLY B 18 3.69 -15.02 9.68
CA GLY B 18 3.36 -16.30 9.11
C GLY B 18 1.88 -16.59 8.96
N MET B 19 1.00 -15.65 9.31
CA MET B 19 -0.43 -15.88 9.20
C MET B 19 -0.96 -15.35 7.86
N GLN B 20 -2.24 -15.59 7.60
CA GLN B 20 -2.87 -15.24 6.34
C GLN B 20 -3.90 -14.14 6.57
N VAL B 21 -3.92 -13.16 5.66
CA VAL B 21 -4.80 -12.00 5.78
C VAL B 21 -5.61 -11.86 4.50
N TYR B 22 -6.66 -11.04 4.59
CA TYR B 22 -7.54 -10.79 3.46
C TYR B 22 -8.32 -9.51 3.71
N ARG B 23 -8.95 -9.00 2.66
CA ARG B 23 -9.82 -7.83 2.75
C ARG B 23 -11.26 -8.25 2.53
N SER B 24 -12.14 -7.82 3.44
CA SER B 24 -13.56 -8.12 3.28
C SER B 24 -14.17 -7.40 2.08
N GLY B 25 -13.57 -6.27 1.66
CA GLY B 25 -14.04 -5.51 0.52
C GLY B 25 -13.65 -6.05 -0.84
N TRP B 26 -12.88 -7.13 -0.89
CA TRP B 26 -12.48 -7.72 -2.16
C TRP B 26 -13.68 -8.33 -2.87
N ASN B 27 -13.64 -8.29 -4.21
CA ASN B 27 -14.73 -8.88 -4.98
C ASN B 27 -14.63 -10.39 -5.02
N GLY B 28 -13.42 -10.93 -5.09
CA GLY B 28 -13.24 -12.37 -5.12
C GLY B 28 -13.42 -12.99 -3.73
N LYS B 29 -14.00 -14.18 -3.73
CA LYS B 29 -14.27 -14.90 -2.49
C LYS B 29 -13.19 -15.94 -2.22
N ASN B 30 -12.92 -16.15 -0.93
CA ASN B 30 -11.98 -17.18 -0.47
C ASN B 30 -10.54 -16.91 -0.93
N MET B 31 -10.15 -15.65 -0.94
CA MET B 31 -8.78 -15.24 -1.27
C MET B 31 -8.04 -14.83 -0.01
N PHE B 32 -6.72 -14.97 -0.04
CA PHE B 32 -5.90 -14.57 1.10
C PHE B 32 -4.46 -14.38 0.65
N LEU B 33 -3.69 -13.69 1.50
CA LEU B 33 -2.28 -13.44 1.27
C LEU B 33 -1.44 -14.23 2.26
N PHE B 34 -0.20 -14.54 1.86
CA PHE B 34 0.76 -15.15 2.77
C PHE B 34 2.16 -14.79 2.32
N LEU B 35 3.05 -14.56 3.29
CA LEU B 35 4.41 -14.12 3.04
C LEU B 35 5.38 -15.28 3.22
N LYS B 36 6.23 -15.49 2.23
CA LYS B 36 7.28 -16.51 2.30
C LYS B 36 8.64 -15.82 2.46
N SER B 37 9.42 -16.29 3.42
CA SER B 37 10.71 -15.69 3.73
C SER B 37 11.75 -16.07 2.69
N SER B 38 12.86 -15.31 2.70
CA SER B 38 13.93 -15.53 1.73
C SER B 38 14.54 -16.93 1.89
N ASP B 39 14.68 -17.39 3.14
CA ASP B 39 15.23 -18.72 3.37
C ASP B 39 14.32 -19.79 2.78
N ALA B 40 13.01 -19.67 3.01
CA ALA B 40 12.08 -20.64 2.47
C ALA B 40 11.95 -20.56 0.95
N LEU B 41 12.31 -19.41 0.36
CA LEU B 41 12.19 -19.25 -1.08
C LEU B 41 13.32 -19.96 -1.83
N ALA B 42 14.53 -19.95 -1.27
CA ALA B 42 15.65 -20.62 -1.92
C ALA B 42 15.40 -22.11 -2.06
N SER B 43 14.66 -22.70 -1.13
CA SER B 43 14.31 -24.12 -1.21
C SER B 43 13.16 -24.35 -2.18
N ASN B 54 29.13 -13.63 -4.38
CA ASN B 54 28.33 -12.41 -4.27
C ASN B 54 27.01 -12.56 -5.01
N GLU B 55 26.38 -13.71 -4.83
CA GLU B 55 25.14 -14.01 -5.54
C GLU B 55 23.97 -13.21 -4.96
N PRO B 56 22.98 -12.86 -5.79
CA PRO B 56 21.79 -12.19 -5.26
C PRO B 56 20.94 -13.14 -4.44
N VAL B 57 20.46 -12.65 -3.30
CA VAL B 57 19.66 -13.45 -2.38
C VAL B 57 18.20 -13.04 -2.51
N PHE B 58 17.32 -13.96 -2.15
CA PHE B 58 15.89 -13.68 -2.19
C PHE B 58 15.52 -12.64 -1.14
N GLY B 59 14.39 -11.97 -1.39
CA GLY B 59 13.75 -11.15 -0.40
C GLY B 59 12.35 -11.70 -0.12
N ASN B 60 11.74 -11.20 0.95
CA ASN B 60 10.39 -11.63 1.31
C ASN B 60 9.43 -11.36 0.16
N ILE B 61 8.52 -12.31 -0.09
CA ILE B 61 7.58 -12.23 -1.20
C ILE B 61 6.17 -12.49 -0.67
N ILE B 62 5.25 -11.58 -0.98
CA ILE B 62 3.85 -11.74 -0.64
C ILE B 62 3.14 -12.41 -1.80
N PHE B 63 2.47 -13.52 -1.52
CA PHE B 63 1.69 -14.26 -2.50
C PHE B 63 0.20 -14.05 -2.26
N ILE B 64 -0.59 -14.45 -3.25
CA ILE B 64 -2.04 -14.36 -3.17
C ILE B 64 -2.64 -15.65 -3.71
N LYS B 65 -3.51 -16.28 -2.92
CA LYS B 65 -4.34 -17.38 -3.39
C LYS B 65 -5.58 -16.77 -4.03
N THR B 66 -5.68 -16.87 -5.36
CA THR B 66 -6.72 -16.16 -6.09
C THR B 66 -8.08 -16.86 -5.92
N ALA B 67 -9.10 -16.28 -6.55
CA ALA B 67 -10.44 -16.84 -6.45
C ALA B 67 -10.60 -18.15 -7.22
N ASP B 68 -9.71 -18.42 -8.17
CA ASP B 68 -9.75 -19.66 -8.95
C ASP B 68 -8.68 -20.66 -8.50
N ASN B 69 -8.32 -20.63 -7.22
CA ASN B 69 -7.37 -21.57 -6.62
C ASN B 69 -6.03 -21.56 -7.37
N LYS B 70 -5.44 -20.37 -7.49
CA LYS B 70 -4.14 -20.21 -8.11
C LYS B 70 -3.29 -19.31 -7.23
N ILE B 71 -1.98 -19.55 -7.26
CA ILE B 71 -1.02 -18.84 -6.42
C ILE B 71 -0.19 -17.92 -7.31
N HIS B 72 -0.34 -16.62 -7.10
CA HIS B 72 0.38 -15.60 -7.84
C HIS B 72 1.15 -14.70 -6.88
N ALA B 73 2.12 -13.97 -7.42
CA ALA B 73 2.73 -12.88 -6.67
C ALA B 73 1.72 -11.75 -6.54
N TRP B 74 1.58 -11.21 -5.32
CA TRP B 74 0.53 -10.24 -5.06
C TRP B 74 0.97 -8.83 -5.43
N VAL B 75 0.05 -8.08 -6.00
CA VAL B 75 0.30 -6.68 -6.36
C VAL B 75 -0.74 -5.83 -5.63
N PRO B 76 -0.32 -4.97 -4.71
CA PRO B 76 -1.29 -4.21 -3.91
C PRO B 76 -1.89 -3.07 -4.71
N SER B 77 -3.21 -2.95 -4.66
CA SER B 77 -3.85 -1.77 -5.20
C SER B 77 -3.72 -0.63 -4.21
N GLN B 78 -3.95 0.60 -4.70
CA GLN B 78 -3.96 1.74 -3.80
C GLN B 78 -5.06 1.62 -2.76
N THR B 79 -6.19 1.02 -3.14
CA THR B 79 -7.28 0.84 -2.18
C THR B 79 -6.92 -0.18 -1.11
N ASP B 80 -6.21 -1.25 -1.49
CA ASP B 80 -5.73 -2.22 -0.50
C ASP B 80 -4.88 -1.54 0.57
N VAL B 81 -3.94 -0.70 0.13
CA VAL B 81 -2.96 -0.11 1.04
C VAL B 81 -3.63 0.85 2.01
N LEU B 82 -4.68 1.55 1.58
CA LEU B 82 -5.35 2.52 2.42
C LEU B 82 -6.56 1.94 3.15
N ALA B 83 -6.93 0.70 2.90
CA ALA B 83 -8.16 0.15 3.45
C ALA B 83 -8.03 -0.11 4.95
N GLU B 84 -9.19 -0.22 5.60
CA GLU B 84 -9.28 -0.51 7.02
C GLU B 84 -10.10 -1.77 7.30
N ASP B 85 -10.28 -2.63 6.28
CA ASP B 85 -11.13 -3.81 6.40
C ASP B 85 -10.34 -5.10 6.31
N TRP B 86 -9.07 -5.06 6.70
CA TRP B 86 -8.26 -6.27 6.70
C TRP B 86 -8.67 -7.17 7.86
N ASP B 87 -8.48 -8.48 7.66
CA ASP B 87 -8.81 -9.46 8.69
C ASP B 87 -7.89 -10.66 8.53
N ILE B 88 -7.78 -11.43 9.59
CA ILE B 88 -6.93 -12.61 9.63
C ILE B 88 -7.76 -13.83 9.23
N VAL B 89 -7.15 -14.71 8.44
CA VAL B 89 -7.81 -15.95 8.04
C VAL B 89 -7.89 -16.87 9.26
N SER B 90 -9.11 -17.26 9.61
CA SER B 90 -9.33 -18.14 10.76
C SER B 90 -9.52 -19.59 10.31
#